data_7F5P
#
_entry.id   7F5P
#
_cell.length_a   95
_cell.length_b   81.15
_cell.length_c   47.65
_cell.angle_alpha   90
_cell.angle_beta   113.62
_cell.angle_gamma   90
#
_symmetry.space_group_name_H-M   'C 1 2 1'
#
loop_
_entity.id
_entity.type
_entity.pdbx_description
1 polymer 'Peptide Asparaginyl Ligases'
2 branched alpha-D-mannopyranose-(1-4)-2-acetamido-2-deoxy-beta-D-glucopyranose-(1-4)-2-acetamido-2-deoxy-beta-D-glucopyranose
3 branched 2-acetamido-2-deoxy-beta-D-glucopyranose-(1-4)-2-acetamido-2-deoxy-beta-D-glucopyranose
4 branched alpha-D-mannopyranose-(1-3)-[alpha-D-mannopyranose-(1-6)]alpha-D-mannopyranose-(1-4)-2-acetamido-2-deoxy-beta-D-glucopyranose-(1-4)-2-acetamido-2-deoxy-beta-D-glucopyranose
5 water water
#
_entity_poly.entity_id   1
_entity_poly.type   'polypeptide(L)'
_entity_poly.pdbx_seq_one_letter_code
;NSTNDDDSIGTRWAVLIAGSKGYHNYRHQADVCHMYQILRKGGVKDENIIVFMYDDIAYNESNPFPGIIINKPGGENVYK
GVPKDYTGEDINNVNFLAAILGNKSAIIGGSGKVLDTSPNDHIFIYYA(HD0)GAPGKIGMPSKPYLYADDLVDTLKQKA
ATGTYKSMVFYVEAANAGSMFEGLLPEGTNIYAMAASNSTEGSWITYCPGTPDFPPEFDVCLGDLWSITFLEDCDAHNLR
TETVHQQFELVKKKIAYASTVSQYGDIPISKDSLSVYMGTDPANDNRTFVDEN
;
_entity_poly.pdbx_strand_id   A
#
# COMPACT_ATOMS: atom_id res chain seq x y z
N ASN A 1 -18.38 -1.66 26.06
CA ASN A 1 -18.92 -0.51 26.80
C ASN A 1 -18.90 0.76 25.94
N SER A 2 -17.90 0.90 25.07
CA SER A 2 -17.71 2.05 24.18
C SER A 2 -18.84 2.19 23.14
N THR A 3 -18.94 3.36 22.49
CA THR A 3 -19.98 3.60 21.50
C THR A 3 -19.46 3.40 20.07
N ASN A 4 -20.30 2.83 19.20
CA ASN A 4 -19.90 2.65 17.79
C ASN A 4 -20.33 3.84 16.90
N ASP A 5 -20.69 4.97 17.51
CA ASP A 5 -21.12 6.16 16.79
C ASP A 5 -20.19 7.34 17.05
N ASP A 6 -20.11 8.24 16.09
CA ASP A 6 -19.36 9.48 16.21
C ASP A 6 -20.02 10.58 15.33
N ASP A 7 -19.72 11.85 15.60
CA ASP A 7 -20.29 12.94 14.80
C ASP A 7 -19.44 13.30 13.56
N SER A 8 -18.60 12.38 13.11
CA SER A 8 -17.75 12.61 11.95
C SER A 8 -18.30 11.87 10.75
N ILE A 9 -18.15 12.45 9.57
CA ILE A 9 -18.61 11.83 8.35
C ILE A 9 -17.73 10.62 7.99
N GLY A 10 -16.45 10.74 8.22
CA GLY A 10 -15.51 9.67 7.94
C GLY A 10 -14.28 10.25 7.31
N THR A 11 -13.13 9.94 7.87
CA THR A 11 -11.84 10.40 7.42
C THR A 11 -11.12 9.26 6.70
N ARG A 12 -10.42 9.57 5.60
CA ARG A 12 -9.63 8.58 4.88
C ARG A 12 -8.26 8.52 5.52
N TRP A 13 -7.81 7.33 5.82
CA TRP A 13 -6.52 7.03 6.41
C TRP A 13 -5.80 6.01 5.52
N ALA A 14 -4.48 6.04 5.57
CA ALA A 14 -3.66 5.12 4.83
C ALA A 14 -2.40 4.78 5.54
N VAL A 15 -1.94 3.56 5.34
CA VAL A 15 -0.64 3.09 5.82
C VAL A 15 0.08 2.58 4.60
N LEU A 16 1.26 3.13 4.31
CA LEU A 16 2.03 2.72 3.14
C LEU A 16 3.34 2.21 3.66
N ILE A 17 3.73 1.00 3.25
CA ILE A 17 4.96 0.42 3.75
C ILE A 17 5.68 -0.33 2.68
N ALA A 18 6.97 -0.02 2.55
CA ALA A 18 7.90 -0.77 1.71
C ALA A 18 8.69 -1.61 2.74
N GLY A 19 8.57 -2.92 2.63
CA GLY A 19 9.21 -3.82 3.59
C GLY A 19 10.68 -4.13 3.30
N SER A 20 11.30 -3.43 2.34
CA SER A 20 12.68 -3.73 1.98
C SER A 20 13.65 -2.55 2.17
N LYS A 21 14.97 -2.81 2.08
CA LYS A 21 16.02 -1.79 2.13
C LYS A 21 17.08 -2.07 1.05
N GLY A 22 17.95 -1.10 0.81
CA GLY A 22 19.04 -1.20 -0.16
C GLY A 22 18.63 -0.59 -1.48
N TYR A 23 19.57 0.10 -2.14
CA TYR A 23 19.32 0.77 -3.41
C TYR A 23 18.72 -0.14 -4.49
N HIS A 24 19.15 -1.40 -4.56
CA HIS A 24 18.62 -2.35 -5.54
C HIS A 24 17.11 -2.60 -5.37
N ASN A 25 16.55 -2.33 -4.17
CA ASN A 25 15.13 -2.49 -3.91
C ASN A 25 14.33 -1.18 -4.09
N TYR A 26 14.89 -0.27 -4.95
CA TYR A 26 14.37 1.04 -5.36
C TYR A 26 12.86 0.94 -5.63
N ARG A 27 12.45 -0.11 -6.38
CA ARG A 27 11.06 -0.35 -6.79
C ARG A 27 10.02 -0.24 -5.67
N HIS A 28 10.28 -0.80 -4.49
CA HIS A 28 9.34 -0.84 -3.36
C HIS A 28 9.09 0.54 -2.76
N GLN A 29 10.16 1.33 -2.60
CA GLN A 29 9.98 2.68 -2.07
C GLN A 29 9.34 3.58 -3.12
N ALA A 30 9.67 3.37 -4.41
CA ALA A 30 9.06 4.14 -5.49
C ALA A 30 7.55 3.85 -5.55
N ASP A 31 7.14 2.59 -5.40
CA ASP A 31 5.74 2.17 -5.46
C ASP A 31 4.93 2.90 -4.38
N VAL A 32 5.45 2.91 -3.14
CA VAL A 32 4.83 3.47 -1.95
C VAL A 32 4.75 5.03 -2.05
N CYS A 33 5.78 5.65 -2.66
CA CYS A 33 5.81 7.09 -2.92
C CYS A 33 4.80 7.41 -3.98
N HIS A 34 4.68 6.60 -5.05
CA HIS A 34 3.67 6.84 -6.09
C HIS A 34 2.25 6.74 -5.47
N MET A 35 2.01 5.78 -4.56
CA MET A 35 0.71 5.64 -3.87
C MET A 35 0.44 6.87 -3.04
N TYR A 36 1.47 7.41 -2.35
CA TYR A 36 1.32 8.64 -1.58
C TYR A 36 0.88 9.80 -2.49
N GLN A 37 1.45 9.88 -3.70
CA GLN A 37 1.07 10.98 -4.62
C GLN A 37 -0.42 10.85 -5.01
N ILE A 38 -0.90 9.62 -5.18
CA ILE A 38 -2.30 9.34 -5.51
C ILE A 38 -3.21 9.81 -4.35
N LEU A 39 -2.85 9.46 -3.12
CA LEU A 39 -3.59 9.87 -1.94
C LEU A 39 -3.62 11.40 -1.72
N ARG A 40 -2.47 12.08 -1.75
CA ARG A 40 -2.47 13.53 -1.53
C ARG A 40 -3.17 14.28 -2.69
N LYS A 41 -3.11 13.77 -3.93
CA LYS A 41 -3.88 14.40 -5.03
C LYS A 41 -5.39 14.19 -4.90
N GLY A 42 -5.80 13.21 -4.08
CA GLY A 42 -7.17 12.87 -3.75
C GLY A 42 -7.69 13.53 -2.47
N GLY A 43 -6.87 14.36 -1.84
CA GLY A 43 -7.27 15.10 -0.65
C GLY A 43 -7.05 14.39 0.67
N VAL A 44 -6.25 13.30 0.67
CA VAL A 44 -5.97 12.59 1.92
C VAL A 44 -4.87 13.39 2.64
N LYS A 45 -5.10 13.77 3.89
CA LYS A 45 -4.17 14.59 4.64
C LYS A 45 -2.98 13.82 5.16
N ASP A 46 -1.79 14.44 5.18
CA ASP A 46 -0.54 13.83 5.64
C ASP A 46 -0.67 13.25 7.03
N GLU A 47 -1.40 13.96 7.90
CA GLU A 47 -1.72 13.57 9.27
C GLU A 47 -2.41 12.20 9.37
N ASN A 48 -3.08 11.75 8.30
CA ASN A 48 -3.74 10.46 8.26
C ASN A 48 -3.06 9.41 7.37
N ILE A 49 -1.87 9.73 6.83
CA ILE A 49 -1.05 8.85 6.00
C ILE A 49 0.21 8.49 6.77
N ILE A 50 0.34 7.22 7.15
CA ILE A 50 1.50 6.75 7.89
C ILE A 50 2.45 6.11 6.88
N VAL A 51 3.63 6.73 6.66
CA VAL A 51 4.59 6.16 5.70
C VAL A 51 5.74 5.42 6.39
N PHE A 52 5.96 4.17 5.98
CA PHE A 52 7.08 3.35 6.39
C PHE A 52 7.95 3.16 5.12
N MET A 53 9.10 3.83 5.04
CA MET A 53 10.02 3.65 3.92
C MET A 53 11.42 3.86 4.45
N TYR A 54 12.34 2.95 4.09
CA TYR A 54 13.68 2.96 4.64
C TYR A 54 14.40 4.29 4.46
N ASP A 55 14.13 4.95 3.33
CA ASP A 55 14.59 6.29 2.99
C ASP A 55 16.07 6.32 2.64
N ASP A 56 16.52 5.30 1.93
CA ASP A 56 17.90 5.21 1.47
C ASP A 56 17.96 5.30 -0.06
N ILE A 57 16.92 5.79 -0.75
CA ILE A 57 16.90 5.82 -2.20
C ILE A 57 17.12 7.23 -2.77
N ALA A 58 16.28 8.20 -2.36
CA ALA A 58 16.33 9.58 -2.87
C ALA A 58 17.73 10.21 -2.85
N TYR A 59 18.49 10.05 -1.77
CA TYR A 59 19.83 10.60 -1.69
C TYR A 59 20.94 9.55 -1.70
N ASN A 60 20.67 8.36 -2.27
CA ASN A 60 21.68 7.33 -2.38
C ASN A 60 22.80 7.81 -3.33
N GLU A 61 24.05 7.45 -3.05
CA GLU A 61 25.19 7.81 -3.92
C GLU A 61 24.99 7.25 -5.36
N SER A 62 24.31 6.13 -5.49
CA SER A 62 24.00 5.52 -6.76
C SER A 62 22.84 6.14 -7.52
N ASN A 63 22.05 7.00 -6.88
CA ASN A 63 20.90 7.61 -7.55
C ASN A 63 21.35 8.69 -8.56
N PRO A 64 21.07 8.50 -9.87
CA PRO A 64 21.49 9.51 -10.86
C PRO A 64 20.72 10.83 -10.73
N PHE A 65 19.58 10.86 -10.03
CA PHE A 65 18.83 12.10 -9.84
C PHE A 65 18.60 12.30 -8.34
N PRO A 66 19.60 12.84 -7.62
CA PRO A 66 19.43 13.01 -6.17
C PRO A 66 18.21 13.85 -5.79
N GLY A 67 17.52 13.43 -4.75
CA GLY A 67 16.28 14.05 -4.33
C GLY A 67 15.08 13.55 -5.11
N ILE A 68 15.29 12.77 -6.17
CA ILE A 68 14.21 12.26 -7.01
C ILE A 68 14.06 10.73 -6.93
N ILE A 69 12.81 10.28 -6.98
CA ILE A 69 12.45 8.88 -7.07
C ILE A 69 11.34 8.81 -8.12
N ILE A 70 11.51 8.01 -9.15
CA ILE A 70 10.48 7.83 -10.18
C ILE A 70 9.96 6.36 -10.11
N ASN A 71 8.76 6.09 -10.58
CA ASN A 71 8.17 4.74 -10.54
C ASN A 71 7.75 4.30 -11.96
N LYS A 72 8.47 4.78 -12.97
CA LYS A 72 8.24 4.54 -14.39
C LYS A 72 9.26 5.38 -15.19
N PRO A 73 9.86 4.85 -16.28
CA PRO A 73 10.76 5.68 -17.10
C PRO A 73 10.04 6.93 -17.63
N GLY A 74 10.68 8.08 -17.46
CA GLY A 74 10.08 9.35 -17.86
C GLY A 74 8.94 9.81 -16.97
N GLY A 75 8.79 9.19 -15.80
CA GLY A 75 7.73 9.54 -14.87
C GLY A 75 8.06 10.76 -14.03
N GLU A 76 7.11 11.18 -13.18
CA GLU A 76 7.31 12.34 -12.32
C GLU A 76 7.96 11.92 -10.98
N ASN A 77 8.59 12.90 -10.29
CA ASN A 77 9.19 12.66 -8.99
C ASN A 77 8.08 12.34 -7.99
N VAL A 78 8.03 11.10 -7.50
CA VAL A 78 7.03 10.72 -6.53
C VAL A 78 7.53 10.88 -5.07
N TYR A 79 8.80 11.25 -4.88
CA TYR A 79 9.37 11.42 -3.54
C TYR A 79 8.95 12.73 -2.86
N LYS A 80 8.53 13.72 -3.66
CA LYS A 80 8.23 15.06 -3.16
C LYS A 80 7.01 15.13 -2.20
N GLY A 81 7.28 15.49 -0.96
CA GLY A 81 6.24 15.65 0.05
C GLY A 81 5.90 14.41 0.86
N VAL A 82 6.56 13.26 0.58
CA VAL A 82 6.25 12.04 1.30
C VAL A 82 6.61 12.15 2.78
N PRO A 83 5.64 12.04 3.71
CA PRO A 83 6.00 12.07 5.14
C PRO A 83 6.99 10.93 5.51
N LYS A 84 7.78 11.13 6.57
CA LYS A 84 8.77 10.14 7.00
C LYS A 84 8.43 9.69 8.42
N ASP A 85 7.38 8.87 8.54
CA ASP A 85 6.93 8.42 9.84
C ASP A 85 7.86 7.40 10.44
N TYR A 86 8.19 6.35 9.68
CA TYR A 86 9.09 5.33 10.18
C TYR A 86 10.12 5.07 9.10
N THR A 87 11.36 5.43 9.37
CA THR A 87 12.45 5.23 8.40
C THR A 87 13.54 4.37 9.06
N GLY A 88 14.48 3.85 8.25
CA GLY A 88 15.55 3.02 8.78
C GLY A 88 15.05 1.79 9.52
N GLU A 89 15.70 1.44 10.62
CA GLU A 89 15.31 0.27 11.40
C GLU A 89 14.05 0.48 12.25
N ASP A 90 13.42 1.68 12.18
CA ASP A 90 12.10 1.87 12.80
C ASP A 90 11.00 1.18 11.95
N ILE A 91 11.35 0.61 10.77
CA ILE A 91 10.40 -0.15 10.00
C ILE A 91 10.58 -1.58 10.47
N ASN A 92 9.70 -1.98 11.38
CA ASN A 92 9.75 -3.30 11.97
C ASN A 92 8.33 -3.77 12.35
N ASN A 93 8.21 -5.03 12.80
CA ASN A 93 6.92 -5.59 13.21
C ASN A 93 6.30 -4.81 14.35
N VAL A 94 7.09 -4.46 15.37
CA VAL A 94 6.57 -3.74 16.53
C VAL A 94 5.87 -2.43 16.14
N ASN A 95 6.54 -1.61 15.34
CA ASN A 95 5.96 -0.33 14.91
C ASN A 95 4.87 -0.50 13.88
N PHE A 96 5.01 -1.47 12.95
CA PHE A 96 3.99 -1.64 11.91
C PHE A 96 2.67 -2.14 12.51
N LEU A 97 2.73 -3.13 13.41
CA LEU A 97 1.53 -3.68 14.01
C LEU A 97 0.88 -2.69 14.96
N ALA A 98 1.70 -1.93 15.70
CA ALA A 98 1.18 -0.89 16.60
C ALA A 98 0.51 0.24 15.79
N ALA A 99 1.03 0.55 14.60
CA ALA A 99 0.45 1.60 13.78
C ALA A 99 -0.92 1.13 13.27
N ILE A 100 -1.03 -0.10 12.78
CA ILE A 100 -2.31 -0.62 12.30
C ILE A 100 -3.30 -0.68 13.47
N LEU A 101 -2.87 -1.20 14.62
CA LEU A 101 -3.77 -1.30 15.78
C LEU A 101 -4.18 0.10 16.27
N GLY A 102 -3.23 1.01 16.27
CA GLY A 102 -3.42 2.37 16.73
C GLY A 102 -2.95 2.54 18.16
N ASN A 103 -1.97 1.73 18.61
CA ASN A 103 -1.48 1.80 19.98
C ASN A 103 -0.21 2.63 20.03
N LYS A 104 -0.31 3.90 20.47
CA LYS A 104 0.86 4.77 20.56
C LYS A 104 1.86 4.32 21.63
N SER A 105 1.38 3.60 22.67
CA SER A 105 2.25 3.09 23.73
C SER A 105 3.18 1.97 23.21
N ALA A 106 2.72 1.19 22.23
CA ALA A 106 3.50 0.11 21.67
C ALA A 106 4.59 0.56 20.67
N ILE A 107 4.52 1.81 20.19
CA ILE A 107 5.51 2.36 19.26
C ILE A 107 6.86 2.53 19.97
N ILE A 108 7.92 1.90 19.43
CA ILE A 108 9.26 1.95 20.04
C ILE A 108 10.21 2.97 19.39
N GLY A 109 9.86 3.46 18.22
CA GLY A 109 10.65 4.46 17.50
C GLY A 109 9.83 5.08 16.38
N GLY A 110 10.31 6.20 15.84
CA GLY A 110 9.61 6.86 14.75
C GLY A 110 8.75 8.02 15.20
N SER A 111 7.87 8.47 14.31
CA SER A 111 6.98 9.62 14.52
CA SER A 111 7.00 9.63 14.56
C SER A 111 5.96 9.41 15.64
N GLY A 112 5.51 8.18 15.80
CA GLY A 112 4.46 7.89 16.77
C GLY A 112 3.08 8.09 16.17
N LYS A 113 2.99 8.28 14.82
CA LYS A 113 1.75 8.44 14.07
C LYS A 113 1.14 7.05 13.87
N VAL A 114 -0.04 6.83 14.45
CA VAL A 114 -0.71 5.53 14.38
C VAL A 114 -2.16 5.68 13.88
N LEU A 115 -2.84 4.54 13.57
CA LEU A 115 -4.24 4.59 13.15
C LEU A 115 -5.19 4.82 14.34
N ASP A 116 -5.25 6.06 14.81
CA ASP A 116 -6.16 6.46 15.88
C ASP A 116 -7.47 6.79 15.17
N THR A 117 -8.09 5.77 14.60
CA THR A 117 -9.28 5.93 13.79
C THR A 117 -10.60 5.88 14.60
N SER A 118 -11.69 6.29 13.96
CA SER A 118 -13.04 6.32 14.51
C SER A 118 -14.03 5.51 13.61
N PRO A 119 -15.17 5.03 14.16
CA PRO A 119 -16.08 4.13 13.42
C PRO A 119 -16.46 4.43 11.96
N ASN A 120 -16.55 5.68 11.54
CA ASN A 120 -16.92 5.99 10.15
C ASN A 120 -15.71 6.06 9.21
N ASP A 121 -14.50 5.91 9.73
CA ASP A 121 -13.29 6.07 8.93
C ASP A 121 -13.01 4.90 7.98
N HIS A 122 -12.30 5.18 6.89
CA HIS A 122 -11.91 4.16 5.93
C HIS A 122 -10.40 4.07 5.92
N ILE A 123 -9.87 2.84 5.89
CA ILE A 123 -8.43 2.61 5.94
C ILE A 123 -7.94 1.94 4.67
N PHE A 124 -6.84 2.43 4.10
CA PHE A 124 -6.22 1.83 2.92
C PHE A 124 -4.78 1.47 3.31
N ILE A 125 -4.45 0.19 3.25
CA ILE A 125 -3.12 -0.25 3.61
C ILE A 125 -2.45 -0.80 2.36
N TYR A 126 -1.26 -0.32 2.07
CA TYR A 126 -0.52 -0.80 0.92
C TYR A 126 0.90 -1.19 1.31
N TYR A 127 1.24 -2.47 1.04
CA TYR A 127 2.56 -2.99 1.35
C TYR A 127 3.26 -3.40 0.06
N ALA A 128 4.54 -3.03 -0.12
CA ALA A 128 5.31 -3.46 -1.28
C ALA A 128 6.55 -4.07 -0.68
N GLY A 130 8.33 -11.39 -0.24
CA GLY A 130 7.43 -12.37 0.32
C GLY A 130 7.86 -13.81 0.14
N ALA A 131 7.32 -14.62 0.99
CA ALA A 131 7.49 -16.07 0.99
C ALA A 131 6.19 -16.68 1.51
N PRO A 132 6.01 -18.01 1.37
CA PRO A 132 4.80 -18.64 1.92
C PRO A 132 4.63 -18.30 3.41
N GLY A 133 3.58 -17.58 3.71
CA GLY A 133 3.23 -17.19 5.07
C GLY A 133 4.02 -16.09 5.73
N LYS A 134 4.85 -15.37 4.98
CA LYS A 134 5.61 -14.25 5.54
C LYS A 134 5.97 -13.19 4.51
N ILE A 135 6.06 -11.92 4.96
CA ILE A 135 6.47 -10.79 4.15
C ILE A 135 7.61 -10.11 4.89
N GLY A 136 8.52 -9.56 4.11
CA GLY A 136 9.71 -8.95 4.66
C GLY A 136 9.53 -7.67 5.44
N MET A 137 10.54 -7.39 6.26
CA MET A 137 10.82 -6.20 7.00
C MET A 137 12.31 -5.92 6.59
N PRO A 138 12.76 -4.64 6.54
CA PRO A 138 14.16 -4.36 6.10
C PRO A 138 15.22 -5.25 6.74
N SER A 139 15.01 -5.56 8.02
CA SER A 139 15.83 -6.51 8.77
C SER A 139 14.93 -7.53 9.50
N LYS A 140 15.49 -8.68 9.86
CA LYS A 140 14.75 -9.70 10.61
C LYS A 140 14.44 -9.18 12.03
N PRO A 141 13.32 -9.60 12.65
CA PRO A 141 12.35 -10.62 12.20
C PRO A 141 11.38 -10.16 11.12
N TYR A 142 10.94 -11.12 10.28
CA TYR A 142 10.00 -10.81 9.21
C TYR A 142 8.55 -10.81 9.74
N LEU A 143 7.60 -10.36 8.92
CA LEU A 143 6.20 -10.33 9.34
C LEU A 143 5.50 -11.60 8.92
N TYR A 144 5.17 -12.45 9.90
CA TYR A 144 4.46 -13.70 9.68
C TYR A 144 2.96 -13.46 9.60
N ALA A 145 2.28 -14.10 8.65
CA ALA A 145 0.85 -14.00 8.41
C ALA A 145 -0.03 -14.07 9.66
N ASP A 146 0.26 -14.98 10.59
CA ASP A 146 -0.56 -15.14 11.80
C ASP A 146 -0.48 -13.92 12.69
N ASP A 147 0.67 -13.24 12.75
CA ASP A 147 0.82 -12.02 13.55
C ASP A 147 0.05 -10.86 12.93
N LEU A 148 0.10 -10.76 11.58
CA LEU A 148 -0.63 -9.69 10.89
C LEU A 148 -2.12 -9.89 11.08
N VAL A 149 -2.62 -11.10 10.86
CA VAL A 149 -4.04 -11.39 11.06
C VAL A 149 -4.48 -11.18 12.53
N ASP A 150 -3.63 -11.53 13.54
CA ASP A 150 -4.02 -11.29 14.95
C ASP A 150 -4.24 -9.78 15.18
N THR A 151 -3.36 -8.95 14.58
CA THR A 151 -3.50 -7.50 14.70
C THR A 151 -4.75 -7.04 13.99
N LEU A 152 -4.98 -7.50 12.74
CA LEU A 152 -6.18 -7.09 12.01
C LEU A 152 -7.48 -7.52 12.75
N LYS A 153 -7.44 -8.65 13.46
CA LYS A 153 -8.58 -9.12 14.23
C LYS A 153 -8.76 -8.27 15.49
N GLN A 154 -7.65 -7.87 16.13
CA GLN A 154 -7.74 -6.98 17.30
C GLN A 154 -8.30 -5.62 16.89
N LYS A 155 -7.91 -5.13 15.71
CA LYS A 155 -8.38 -3.86 15.16
C LYS A 155 -9.86 -3.95 14.79
N ALA A 156 -10.28 -5.06 14.18
CA ALA A 156 -11.69 -5.28 13.84
C ALA A 156 -12.58 -5.24 15.09
N ALA A 157 -12.11 -5.88 16.19
CA ALA A 157 -12.81 -5.94 17.47
C ALA A 157 -13.07 -4.55 18.04
N THR A 158 -12.12 -3.62 17.88
CA THR A 158 -12.27 -2.24 18.38
C THR A 158 -13.46 -1.50 17.73
N GLY A 159 -13.80 -1.88 16.49
CA GLY A 159 -14.85 -1.25 15.72
C GLY A 159 -14.47 0.17 15.36
N THR A 160 -13.16 0.44 15.12
CA THR A 160 -12.70 1.78 14.85
C THR A 160 -12.53 2.05 13.38
N TYR A 161 -13.42 1.54 12.55
CA TYR A 161 -13.41 1.80 11.12
C TYR A 161 -14.65 1.25 10.43
N LYS A 162 -15.04 1.82 9.30
CA LYS A 162 -16.21 1.39 8.53
C LYS A 162 -15.71 0.21 7.68
N SER A 163 -14.63 0.42 6.93
CA SER A 163 -14.04 -0.64 6.13
C SER A 163 -12.57 -0.35 5.78
N MET A 164 -11.83 -1.42 5.53
CA MET A 164 -10.42 -1.40 5.28
C MET A 164 -10.11 -2.15 4.01
N VAL A 165 -9.23 -1.59 3.17
CA VAL A 165 -8.74 -2.25 1.96
C VAL A 165 -7.24 -2.45 2.12
N PHE A 166 -6.76 -3.69 1.95
CA PHE A 166 -5.37 -4.01 2.12
C PHE A 166 -4.81 -4.55 0.81
N TYR A 167 -3.84 -3.87 0.22
CA TYR A 167 -3.19 -4.23 -1.04
C TYR A 167 -1.77 -4.74 -0.74
N VAL A 168 -1.42 -5.95 -1.21
CA VAL A 168 -0.10 -6.50 -0.93
C VAL A 168 0.61 -6.87 -2.20
N GLU A 169 1.73 -6.25 -2.39
CA GLU A 169 2.65 -6.54 -3.49
C GLU A 169 3.84 -7.29 -2.87
N ALA A 170 3.95 -8.59 -3.16
CA ALA A 170 5.03 -9.48 -2.71
C ALA A 170 4.87 -10.86 -3.37
N ALA A 171 5.91 -11.72 -3.35
CA ALA A 171 5.72 -13.11 -3.82
C ALA A 171 4.85 -13.81 -2.76
N ASN A 172 4.00 -14.76 -3.17
CA ASN A 172 3.13 -15.54 -2.27
C ASN A 172 2.27 -14.61 -1.41
N ALA A 173 1.94 -13.40 -1.93
CA ALA A 173 1.18 -12.36 -1.24
C ALA A 173 -0.13 -12.89 -0.67
N GLY A 174 -0.80 -13.75 -1.45
CA GLY A 174 -2.06 -14.36 -1.05
C GLY A 174 -1.96 -15.17 0.22
N SER A 175 -0.78 -15.77 0.49
CA SER A 175 -0.50 -16.57 1.69
C SER A 175 -0.61 -15.80 3.00
N MET A 176 -0.55 -14.48 2.94
CA MET A 176 -0.74 -13.64 4.11
C MET A 176 -2.22 -13.67 4.57
N PHE A 177 -3.17 -13.95 3.64
CA PHE A 177 -4.60 -13.90 3.96
C PHE A 177 -5.40 -15.19 3.77
N GLU A 178 -4.96 -16.06 2.86
CA GLU A 178 -5.65 -17.28 2.52
C GLU A 178 -5.98 -18.15 3.73
N GLY A 179 -7.27 -18.35 3.97
CA GLY A 179 -7.75 -19.17 5.08
C GLY A 179 -7.42 -18.60 6.45
N LEU A 180 -7.16 -17.30 6.53
CA LEU A 180 -6.79 -16.65 7.79
C LEU A 180 -7.66 -15.46 8.10
N LEU A 181 -7.93 -14.61 7.09
CA LEU A 181 -8.68 -13.38 7.26
C LEU A 181 -10.16 -13.71 7.37
N PRO A 182 -10.75 -13.59 8.58
CA PRO A 182 -12.17 -13.91 8.71
C PRO A 182 -13.07 -12.88 8.03
N GLU A 183 -14.15 -13.36 7.43
CA GLU A 183 -15.16 -12.45 6.88
C GLU A 183 -15.97 -11.97 8.09
N GLY A 184 -16.45 -10.75 8.00
CA GLY A 184 -17.12 -10.10 9.13
C GLY A 184 -16.22 -9.04 9.75
N THR A 185 -14.91 -9.03 9.39
CA THR A 185 -13.97 -8.03 9.89
C THR A 185 -14.03 -6.71 9.07
N ASN A 186 -14.77 -6.70 7.94
CA ASN A 186 -14.88 -5.55 7.04
C ASN A 186 -13.48 -5.20 6.41
N ILE A 187 -12.65 -6.23 6.18
CA ILE A 187 -11.32 -6.05 5.57
C ILE A 187 -11.28 -6.78 4.26
N TYR A 188 -11.10 -6.04 3.17
CA TYR A 188 -10.96 -6.58 1.83
C TYR A 188 -9.45 -6.57 1.54
N ALA A 189 -8.92 -7.65 0.99
CA ALA A 189 -7.50 -7.75 0.69
C ALA A 189 -7.33 -8.07 -0.78
N MET A 190 -6.36 -7.43 -1.44
CA MET A 190 -6.02 -7.74 -2.82
C MET A 190 -4.51 -7.98 -2.87
N ALA A 191 -4.10 -9.09 -3.51
CA ALA A 191 -2.70 -9.50 -3.55
C ALA A 191 -2.24 -9.65 -5.00
N ALA A 192 -0.98 -9.19 -5.29
CA ALA A 192 -0.34 -9.32 -6.60
C ALA A 192 -0.35 -10.80 -7.06
N SER A 193 -0.12 -11.72 -6.12
CA SER A 193 -0.05 -13.16 -6.45
C SER A 193 -0.81 -14.03 -5.45
N ASN A 194 -1.17 -15.24 -5.88
CA ASN A 194 -1.83 -16.18 -5.01
C ASN A 194 -0.82 -16.77 -3.97
N SER A 195 -1.25 -17.70 -3.12
CA SER A 195 -0.42 -18.26 -2.07
C SER A 195 0.80 -19.01 -2.55
N THR A 196 0.80 -19.51 -3.80
CA THR A 196 1.90 -20.30 -4.30
C THR A 196 2.68 -19.68 -5.46
N GLU A 197 2.39 -18.43 -5.84
CA GLU A 197 3.06 -17.80 -6.97
C GLU A 197 4.07 -16.75 -6.58
N GLY A 198 5.05 -16.56 -7.44
CA GLY A 198 5.97 -15.44 -7.30
C GLY A 198 5.37 -14.24 -8.02
N SER A 199 5.82 -13.03 -7.70
CA SER A 199 5.30 -11.84 -8.38
C SER A 199 6.38 -11.18 -9.25
N TRP A 200 5.97 -10.54 -10.35
CA TRP A 200 6.88 -9.93 -11.30
C TRP A 200 7.28 -8.51 -10.97
N ILE A 201 8.49 -8.20 -11.39
CA ILE A 201 9.07 -6.89 -11.35
C ILE A 201 8.99 -6.37 -12.79
N THR A 202 8.95 -5.05 -12.95
CA THR A 202 8.89 -4.42 -14.25
C THR A 202 9.74 -3.12 -14.27
N TYR A 203 9.86 -2.47 -15.43
CA TYR A 203 10.68 -1.25 -15.59
C TYR A 203 12.13 -1.53 -15.15
N CYS A 204 12.73 -2.60 -15.68
CA CYS A 204 14.09 -3.06 -15.37
C CYS A 204 15.04 -2.74 -16.50
N PRO A 205 16.35 -2.60 -16.20
CA PRO A 205 17.35 -2.46 -17.27
C PRO A 205 17.34 -3.68 -18.18
N GLY A 206 17.51 -3.44 -19.47
CA GLY A 206 17.53 -4.54 -20.44
C GLY A 206 16.92 -4.17 -21.76
N THR A 207 15.69 -3.66 -21.75
CA THR A 207 15.02 -3.25 -22.99
C THR A 207 15.68 -2.00 -23.53
N PRO A 208 15.68 -1.80 -24.87
CA PRO A 208 16.38 -0.64 -25.43
C PRO A 208 15.83 0.74 -25.07
N ASP A 209 14.56 0.80 -24.67
CA ASP A 209 13.86 2.01 -24.26
C ASP A 209 14.08 2.37 -22.78
N PHE A 210 14.79 1.55 -22.00
CA PHE A 210 15.04 1.84 -20.60
C PHE A 210 16.09 2.97 -20.45
N PRO A 211 15.94 3.92 -19.49
CA PRO A 211 16.94 5.01 -19.39
C PRO A 211 18.34 4.52 -18.97
N PRO A 212 19.39 4.88 -19.75
CA PRO A 212 20.74 4.40 -19.42
C PRO A 212 21.26 4.80 -18.05
N GLU A 213 20.75 5.92 -17.52
CA GLU A 213 21.15 6.46 -16.21
C GLU A 213 20.83 5.51 -15.05
N PHE A 214 19.75 4.71 -15.16
CA PHE A 214 19.37 3.80 -14.07
C PHE A 214 19.91 2.39 -14.21
N ASP A 215 20.37 1.80 -13.09
CA ASP A 215 20.81 0.41 -13.11
C ASP A 215 19.88 -0.52 -12.29
N VAL A 216 18.79 0.04 -11.72
CA VAL A 216 17.82 -0.70 -10.91
C VAL A 216 16.42 -0.71 -11.53
N CYS A 217 15.57 -1.66 -11.12
CA CYS A 217 14.18 -1.75 -11.56
C CYS A 217 13.38 -0.66 -10.87
N LEU A 218 12.53 0.04 -11.61
CA LEU A 218 11.76 1.15 -11.07
C LEU A 218 10.43 0.75 -10.41
N GLY A 219 9.92 -0.43 -10.75
CA GLY A 219 8.64 -0.85 -10.21
C GLY A 219 8.33 -2.33 -10.17
N ASP A 220 7.17 -2.65 -9.58
CA ASP A 220 6.68 -4.01 -9.49
C ASP A 220 5.47 -4.06 -10.38
N LEU A 221 5.36 -5.10 -11.21
CA LEU A 221 4.32 -5.16 -12.21
C LEU A 221 2.88 -4.89 -11.70
N TRP A 222 2.44 -5.56 -10.64
CA TRP A 222 1.07 -5.37 -10.13
C TRP A 222 0.87 -3.97 -9.62
N SER A 223 1.87 -3.47 -8.86
CA SER A 223 1.87 -2.13 -8.30
C SER A 223 1.72 -1.06 -9.37
N ILE A 224 2.60 -1.04 -10.37
CA ILE A 224 2.50 -0.04 -11.45
C ILE A 224 1.20 -0.20 -12.22
N THR A 225 0.69 -1.42 -12.37
CA THR A 225 -0.58 -1.63 -13.08
C THR A 225 -1.73 -0.95 -12.34
N PHE A 226 -1.83 -1.13 -11.01
CA PHE A 226 -2.94 -0.52 -10.28
C PHE A 226 -2.69 0.97 -10.01
N LEU A 227 -1.42 1.39 -9.84
CA LEU A 227 -1.09 2.79 -9.58
C LEU A 227 -1.34 3.63 -10.82
N GLU A 228 -0.96 3.12 -11.99
CA GLU A 228 -1.22 3.80 -13.25
C GLU A 228 -2.71 3.81 -13.58
N ASP A 229 -3.50 2.87 -13.05
CA ASP A 229 -4.95 2.87 -13.22
C ASP A 229 -5.54 4.04 -12.39
N CYS A 230 -5.10 4.20 -11.12
CA CYS A 230 -5.54 5.28 -10.22
C CYS A 230 -5.24 6.70 -10.73
N ASP A 231 -4.19 6.86 -11.52
CA ASP A 231 -3.81 8.17 -12.05
C ASP A 231 -4.60 8.56 -13.31
N ALA A 232 -5.16 7.56 -14.01
CA ALA A 232 -5.82 7.77 -15.30
C ALA A 232 -7.25 8.31 -15.29
N HIS A 233 -8.06 8.01 -14.24
CA HIS A 233 -9.48 8.41 -14.29
C HIS A 233 -10.07 8.82 -12.92
N ASN A 234 -11.30 9.38 -12.95
CA ASN A 234 -12.09 9.78 -11.79
C ASN A 234 -12.37 8.54 -10.95
N LEU A 235 -11.68 8.42 -9.81
CA LEU A 235 -11.83 7.27 -8.91
C LEU A 235 -13.22 7.16 -8.27
N ARG A 236 -14.10 8.16 -8.47
CA ARG A 236 -15.47 8.07 -8.01
C ARG A 236 -16.27 7.16 -8.98
N THR A 237 -15.83 7.01 -10.24
CA THR A 237 -16.49 6.20 -11.26
C THR A 237 -15.93 4.78 -11.43
N GLU A 238 -14.99 4.37 -10.56
CA GLU A 238 -14.38 3.06 -10.64
C GLU A 238 -14.37 2.41 -9.26
N THR A 239 -14.99 1.23 -9.14
CA THR A 239 -15.00 0.52 -7.87
C THR A 239 -13.71 -0.30 -7.69
N VAL A 240 -13.45 -0.74 -6.45
CA VAL A 240 -12.34 -1.62 -6.11
C VAL A 240 -12.48 -2.94 -6.90
N HIS A 241 -13.72 -3.45 -7.05
CA HIS A 241 -14.01 -4.65 -7.82
C HIS A 241 -13.64 -4.44 -9.29
N GLN A 242 -14.04 -3.29 -9.88
CA GLN A 242 -13.69 -2.95 -11.25
C GLN A 242 -12.19 -2.85 -11.45
N GLN A 243 -11.44 -2.39 -10.42
CA GLN A 243 -9.98 -2.30 -10.49
C GLN A 243 -9.40 -3.70 -10.43
N PHE A 244 -9.93 -4.56 -9.52
CA PHE A 244 -9.52 -5.95 -9.36
C PHE A 244 -9.64 -6.70 -10.68
N GLU A 245 -10.82 -6.67 -11.32
CA GLU A 245 -11.04 -7.35 -12.60
C GLU A 245 -10.17 -6.78 -13.72
N LEU A 246 -9.82 -5.49 -13.65
CA LEU A 246 -8.97 -4.87 -14.65
C LEU A 246 -7.51 -5.33 -14.51
N VAL A 247 -6.93 -5.21 -13.31
CA VAL A 247 -5.54 -5.58 -13.08
C VAL A 247 -5.35 -7.09 -13.24
N LYS A 248 -6.33 -7.90 -12.77
CA LYS A 248 -6.29 -9.35 -12.91
C LYS A 248 -6.19 -9.76 -14.38
N LYS A 249 -6.99 -9.12 -15.25
CA LYS A 249 -6.97 -9.41 -16.68
C LYS A 249 -5.68 -8.88 -17.32
N LYS A 250 -5.27 -7.68 -16.92
CA LYS A 250 -4.09 -7.02 -17.46
C LYS A 250 -2.78 -7.76 -17.18
N ILE A 251 -2.66 -8.43 -16.01
CA ILE A 251 -1.39 -9.11 -15.70
C ILE A 251 -1.54 -10.64 -15.55
N ALA A 252 -2.63 -11.23 -16.11
CA ALA A 252 -2.89 -12.66 -16.00
C ALA A 252 -1.72 -13.53 -16.48
N TYR A 253 -0.91 -13.01 -17.41
CA TYR A 253 0.25 -13.72 -17.95
C TYR A 253 1.41 -13.85 -16.93
N ALA A 254 1.40 -13.06 -15.85
CA ALA A 254 2.48 -13.08 -14.88
C ALA A 254 2.13 -13.76 -13.56
N SER A 255 0.99 -13.38 -12.98
CA SER A 255 0.52 -13.93 -11.73
C SER A 255 -1.02 -13.80 -11.65
N THR A 256 -1.61 -14.40 -10.64
CA THR A 256 -3.05 -14.41 -10.47
C THR A 256 -3.38 -13.44 -9.38
N VAL A 257 -3.94 -12.26 -9.74
CA VAL A 257 -4.35 -11.28 -8.72
C VAL A 257 -5.51 -11.92 -7.94
N SER A 258 -5.36 -11.96 -6.62
CA SER A 258 -6.31 -12.65 -5.76
C SER A 258 -6.93 -11.71 -4.76
N GLN A 259 -8.16 -12.00 -4.35
CA GLN A 259 -8.88 -11.22 -3.36
C GLN A 259 -9.28 -12.06 -2.17
N TYR A 260 -9.21 -11.48 -0.98
CA TYR A 260 -9.56 -12.16 0.25
C TYR A 260 -10.42 -11.26 1.16
N GLY A 261 -11.06 -11.91 2.13
CA GLY A 261 -11.85 -11.25 3.14
C GLY A 261 -13.25 -10.90 2.73
N ASP A 262 -13.71 -9.78 3.24
CA ASP A 262 -15.04 -9.27 3.00
C ASP A 262 -15.15 -8.74 1.57
N ILE A 263 -15.42 -9.63 0.61
CA ILE A 263 -15.54 -9.30 -0.81
C ILE A 263 -16.56 -8.17 -1.06
N PRO A 264 -17.80 -8.13 -0.46
CA PRO A 264 -18.70 -7.00 -0.75
C PRO A 264 -18.11 -5.61 -0.50
N ILE A 265 -17.06 -5.48 0.34
CA ILE A 265 -16.38 -4.19 0.57
C ILE A 265 -15.86 -3.62 -0.78
N SER A 266 -15.40 -4.50 -1.69
CA SER A 266 -14.93 -4.14 -3.03
C SER A 266 -15.98 -3.43 -3.90
N LYS A 267 -17.25 -3.37 -3.45
CA LYS A 267 -18.28 -2.63 -4.19
C LYS A 267 -18.05 -1.10 -4.12
N ASP A 268 -17.33 -0.62 -3.11
CA ASP A 268 -17.05 0.81 -2.93
C ASP A 268 -16.21 1.36 -4.08
N SER A 269 -16.43 2.64 -4.45
CA SER A 269 -15.55 3.26 -5.46
C SER A 269 -14.16 3.44 -4.82
N LEU A 270 -13.10 3.43 -5.63
CA LEU A 270 -11.74 3.67 -5.15
C LEU A 270 -11.63 5.02 -4.40
N SER A 271 -12.44 6.01 -4.78
CA SER A 271 -12.46 7.32 -4.15
C SER A 271 -12.81 7.26 -2.67
N VAL A 272 -13.57 6.22 -2.23
CA VAL A 272 -13.87 6.01 -0.81
C VAL A 272 -12.57 5.92 0.00
N TYR A 273 -11.53 5.30 -0.58
CA TYR A 273 -10.24 5.11 0.07
C TYR A 273 -9.17 6.11 -0.35
N MET A 274 -9.08 6.42 -1.64
CA MET A 274 -8.02 7.25 -2.19
C MET A 274 -8.39 8.68 -2.55
N GLY A 275 -9.66 8.99 -2.47
CA GLY A 275 -10.19 10.25 -2.97
C GLY A 275 -10.11 10.24 -4.49
N THR A 276 -10.14 11.42 -5.11
CA THR A 276 -9.97 11.51 -6.56
C THR A 276 -9.25 12.81 -6.94
N ASP A 277 -8.47 12.77 -8.02
CA ASP A 277 -7.75 13.96 -8.47
C ASP A 277 -8.77 14.88 -9.17
N PRO A 278 -9.00 16.09 -8.66
CA PRO A 278 -9.97 16.99 -9.31
C PRO A 278 -9.69 17.31 -10.79
N ALA A 279 -8.48 17.00 -11.26
CA ALA A 279 -8.08 17.19 -12.66
C ALA A 279 -8.53 16.02 -13.57
N ASN A 280 -9.04 14.93 -12.99
CA ASN A 280 -9.49 13.76 -13.75
C ASN A 280 -11.01 13.61 -13.78
N ASP A 281 -11.78 14.64 -13.37
CA ASP A 281 -13.23 14.58 -13.33
C ASP A 281 -13.87 14.21 -14.65
N ASN A 282 -13.42 14.81 -15.77
CA ASN A 282 -14.01 14.53 -17.08
C ASN A 282 -13.48 13.24 -17.73
N ARG A 283 -12.93 12.34 -16.94
CA ARG A 283 -12.46 11.05 -17.43
C ARG A 283 -13.06 9.94 -16.58
N THR A 284 -14.14 9.34 -17.07
CA THR A 284 -14.82 8.28 -16.32
C THR A 284 -14.30 6.90 -16.73
N PHE A 285 -14.30 5.95 -15.79
CA PHE A 285 -13.83 4.60 -16.06
C PHE A 285 -14.87 3.80 -16.85
N VAL A 286 -14.50 3.31 -18.03
CA VAL A 286 -15.42 2.53 -18.87
C VAL A 286 -14.89 1.10 -19.05
#